data_4IQU
#
_entry.id   4IQU
#
_cell.length_a   46.913
_cell.length_b   84.804
_cell.length_c   114.493
_cell.angle_alpha   90.00
_cell.angle_beta   90.00
_cell.angle_gamma   90.00
#
_symmetry.space_group_name_H-M   'P 21 21 21'
#
loop_
_entity.id
_entity.type
_entity.pdbx_description
1 polymer 'DNA nucleotidylexotransferase'
2 non-polymer 'SODIUM ION'
3 non-polymer '(2Z,5E)-6-[4-(4-fluorobenzoyl)-1H-pyrrol-2-yl]-2-hydroxy-4-oxohexa-2,5-dienoic acid'
4 water water
#
_entity_poly.entity_id   1
_entity_poly.type   'polypeptide(L)'
_entity_poly.pdbx_seq_one_letter_code
;HMSPSPVPGSQNVPAPAVKKISQYACQRRTTLNNYNQLFTDALDILAENDELRENEGSCLAFMRASSVLKSLPFPITSMK
DTEGIPCLGDKVKSIIEGIIEDGESSEAKAVLNDERYKSFKLFTSVFGVGLKTAEKWFRMGFRTLSKIQSDKSLRFTQMQ
KAGFLYYEDLVSCVNRPEAEAVSMLVKEAVVTFLPDALVTMTGGFRRGKMTGHDVDFLITSPEATEDEEQQLLHKVTDFW
KQQGLLLYCDILESTFEKFKQPSRKVDALDHFQKCFLILKLDHGRVHSEKSGQQEGKGWKAIRVDLVMCPYDRRAFALLG
WTGSRQFERDLRRYATHERKMMLDNHALYDRTKRVFLEAESEEEIFAHLGLDYIEPWERNAMGSSHHHHHHSSGLVPRGS
;
_entity_poly.pdbx_strand_id   A
#
# COMPACT_ATOMS: atom_id res chain seq x y z
N LYS A 20 22.46 12.18 -13.73
CA LYS A 20 21.52 11.35 -14.49
C LYS A 20 20.55 10.65 -13.55
N ILE A 21 19.26 11.03 -13.66
CA ILE A 21 18.17 10.42 -12.89
C ILE A 21 17.82 9.09 -13.57
N SER A 22 17.80 8.00 -12.80
CA SER A 22 17.44 6.69 -13.31
C SER A 22 15.93 6.60 -13.60
N GLN A 23 15.56 5.73 -14.54
CA GLN A 23 14.17 5.44 -14.87
C GLN A 23 13.52 4.54 -13.78
N TYR A 24 14.36 3.95 -12.89
CA TYR A 24 13.91 3.06 -11.82
C TYR A 24 13.79 3.79 -10.49
N ALA A 25 12.63 3.70 -9.83
CA ALA A 25 12.39 4.27 -8.51
C ALA A 25 13.36 3.67 -7.45
N CYS A 26 13.78 2.40 -7.60
CA CYS A 26 14.72 1.74 -6.69
C CYS A 26 16.15 2.30 -6.81
N GLN A 27 16.42 3.17 -7.81
CA GLN A 27 17.72 3.88 -7.96
C GLN A 27 17.54 5.41 -7.71
N ARG A 28 16.41 5.77 -7.09
CA ARG A 28 16.10 7.16 -6.75
C ARG A 28 15.74 7.24 -5.29
N ARG A 29 15.99 8.40 -4.68
CA ARG A 29 15.62 8.67 -3.29
C ARG A 29 14.39 9.56 -3.34
N THR A 30 13.23 9.06 -2.86
CA THR A 30 11.96 9.79 -2.92
C THR A 30 11.45 10.01 -1.51
N THR A 31 11.61 11.25 -1.03
CA THR A 31 11.24 11.67 0.32
C THR A 31 9.89 12.40 0.29
N LEU A 32 9.27 12.60 1.47
CA LEU A 32 7.93 13.18 1.56
C LEU A 32 7.91 14.70 1.31
N ASN A 33 9.05 15.39 1.16
CA ASN A 33 9.05 16.82 0.77
C ASN A 33 8.93 16.87 -0.77
N ASN A 34 7.70 16.70 -1.27
CA ASN A 34 7.42 16.73 -2.71
C ASN A 34 7.30 18.20 -3.16
N TYR A 35 8.21 18.63 -4.05
CA TYR A 35 8.24 20.01 -4.53
C TYR A 35 7.38 20.20 -5.78
N ASN A 36 6.82 19.10 -6.30
CA ASN A 36 6.06 19.11 -7.55
C ASN A 36 4.65 18.56 -7.40
N GLN A 37 4.02 18.76 -6.23
CA GLN A 37 2.66 18.28 -5.94
C GLN A 37 1.61 18.81 -6.94
N LEU A 38 1.81 20.01 -7.48
CA LEU A 38 0.92 20.60 -8.49
C LEU A 38 0.85 19.69 -9.73
N PHE A 39 2.02 19.16 -10.17
CA PHE A 39 2.15 18.27 -11.32
C PHE A 39 1.74 16.86 -10.99
N THR A 40 2.28 16.30 -9.89
CA THR A 40 2.06 14.91 -9.51
C THR A 40 0.63 14.65 -9.05
N ASP A 41 -0.06 15.60 -8.38
CA ASP A 41 -1.47 15.36 -8.03
C ASP A 41 -2.32 15.17 -9.30
N ALA A 42 -2.06 16.00 -10.34
CA ALA A 42 -2.74 15.92 -11.63
C ALA A 42 -2.42 14.60 -12.33
N LEU A 43 -1.13 14.18 -12.37
CA LEU A 43 -0.69 12.92 -12.99
C LEU A 43 -1.25 11.71 -12.26
N ASP A 44 -1.35 11.77 -10.92
CA ASP A 44 -1.93 10.70 -10.09
C ASP A 44 -3.43 10.53 -10.39
N ILE A 45 -4.16 11.65 -10.63
CA ILE A 45 -5.61 11.63 -10.96
C ILE A 45 -5.80 11.00 -12.35
N LEU A 46 -4.97 11.38 -13.32
CA LEU A 46 -5.03 10.86 -14.69
C LEU A 46 -4.69 9.38 -14.71
N ALA A 47 -3.70 8.96 -13.91
CA ALA A 47 -3.32 7.55 -13.77
C ALA A 47 -4.46 6.72 -13.14
N GLU A 48 -5.12 7.26 -12.10
CA GLU A 48 -6.24 6.62 -11.40
C GLU A 48 -7.42 6.44 -12.34
N ASN A 49 -7.72 7.46 -13.17
CA ASN A 49 -8.78 7.38 -14.17
C ASN A 49 -8.49 6.30 -15.19
N ASP A 50 -7.24 6.18 -15.66
CA ASP A 50 -6.83 5.15 -16.61
C ASP A 50 -6.96 3.75 -16.01
N GLU A 51 -6.82 3.63 -14.67
CA GLU A 51 -7.00 2.37 -13.95
C GLU A 51 -8.48 2.00 -13.99
N LEU A 52 -9.36 2.99 -13.73
CA LEU A 52 -10.81 2.84 -13.75
C LEU A 52 -11.31 2.49 -15.15
N ARG A 53 -10.72 3.10 -16.21
CA ARG A 53 -11.08 2.88 -17.63
C ARG A 53 -10.39 1.62 -18.21
N GLU A 54 -9.67 0.85 -17.34
CA GLU A 54 -8.94 -0.39 -17.64
C GLU A 54 -7.84 -0.18 -18.69
N ASN A 55 -7.30 1.04 -18.76
CA ASN A 55 -6.22 1.39 -19.67
C ASN A 55 -4.89 1.31 -18.90
N GLU A 56 -4.40 0.06 -18.72
CA GLU A 56 -3.17 -0.31 -18.01
C GLU A 56 -1.92 0.43 -18.50
N GLY A 57 -1.78 0.56 -19.82
CA GLY A 57 -0.65 1.21 -20.48
C GLY A 57 -0.53 2.68 -20.17
N SER A 58 -1.63 3.43 -20.37
CA SER A 58 -1.66 4.88 -20.11
C SER A 58 -1.50 5.15 -18.60
N CYS A 59 -2.06 4.24 -17.78
CA CYS A 59 -1.97 4.27 -16.32
C CYS A 59 -0.50 4.21 -15.92
N LEU A 60 0.24 3.21 -16.45
CA LEU A 60 1.66 2.99 -16.16
C LEU A 60 2.53 4.20 -16.57
N ALA A 61 2.27 4.79 -17.76
CA ALA A 61 3.03 5.95 -18.23
C ALA A 61 2.87 7.17 -17.29
N PHE A 62 1.62 7.44 -16.82
CA PHE A 62 1.38 8.55 -15.90
C PHE A 62 2.00 8.24 -14.53
N MET A 63 1.96 6.96 -14.08
CA MET A 63 2.52 6.59 -12.77
C MET A 63 4.04 6.78 -12.72
N ARG A 64 4.75 6.42 -13.80
CA ARG A 64 6.22 6.52 -13.89
C ARG A 64 6.64 7.99 -13.96
N ALA A 65 5.87 8.83 -14.67
CA ALA A 65 6.14 10.27 -14.78
C ALA A 65 5.94 10.95 -13.43
N SER A 66 4.81 10.64 -12.76
CA SER A 66 4.51 11.18 -11.45
C SER A 66 5.62 10.81 -10.47
N SER A 67 6.01 9.50 -10.44
CA SER A 67 7.06 8.94 -9.60
C SER A 67 8.40 9.69 -9.73
N VAL A 68 8.89 9.90 -10.98
CA VAL A 68 10.15 10.60 -11.20
C VAL A 68 10.08 12.07 -10.68
N LEU A 69 8.96 12.79 -10.89
CA LEU A 69 8.84 14.18 -10.44
C LEU A 69 8.82 14.24 -8.91
N LYS A 70 8.25 13.21 -8.25
CA LYS A 70 8.24 13.13 -6.78
C LYS A 70 9.67 13.07 -6.20
N SER A 71 10.64 12.53 -6.98
CA SER A 71 12.03 12.39 -6.56
C SER A 71 12.87 13.67 -6.71
N LEU A 72 12.37 14.69 -7.44
CA LEU A 72 13.13 15.92 -7.68
C LEU A 72 13.37 16.72 -6.40
N PRO A 73 14.60 17.28 -6.25
CA PRO A 73 14.91 18.09 -5.05
C PRO A 73 14.50 19.58 -5.22
N PHE A 74 13.82 19.91 -6.32
CA PHE A 74 13.42 21.28 -6.66
C PHE A 74 12.09 21.28 -7.41
N PRO A 75 11.30 22.39 -7.39
CA PRO A 75 10.06 22.44 -8.20
C PRO A 75 10.31 22.77 -9.68
N ILE A 76 9.54 22.14 -10.60
CA ILE A 76 9.57 22.51 -12.03
C ILE A 76 8.89 23.89 -12.16
N THR A 77 9.57 24.86 -12.77
CA THR A 77 8.98 26.20 -12.92
C THR A 77 8.99 26.64 -14.42
N SER A 78 9.55 25.81 -15.31
CA SER A 78 9.58 26.04 -16.76
C SER A 78 9.79 24.71 -17.46
N MET A 79 9.47 24.62 -18.76
CA MET A 79 9.64 23.38 -19.52
C MET A 79 11.11 22.97 -19.64
N LYS A 80 12.05 23.95 -19.64
CA LYS A 80 13.49 23.71 -19.67
C LYS A 80 13.93 22.84 -18.48
N ASP A 81 13.26 23.00 -17.32
CA ASP A 81 13.56 22.20 -16.11
C ASP A 81 13.29 20.71 -16.32
N THR A 82 12.55 20.31 -17.38
CA THR A 82 12.23 18.88 -17.61
C THR A 82 13.32 18.17 -18.44
N GLU A 83 14.32 18.94 -18.94
CA GLU A 83 15.42 18.38 -19.75
C GLU A 83 16.26 17.37 -18.96
N GLY A 84 16.45 16.21 -19.57
CA GLY A 84 17.20 15.12 -18.96
C GLY A 84 16.43 14.27 -17.98
N ILE A 85 15.14 14.60 -17.72
CA ILE A 85 14.34 13.80 -16.79
C ILE A 85 13.70 12.64 -17.58
N PRO A 86 13.94 11.37 -17.17
CA PRO A 86 13.34 10.26 -17.92
C PRO A 86 11.85 10.10 -17.61
N CYS A 87 11.15 9.23 -18.35
CA CYS A 87 9.75 8.84 -18.17
C CYS A 87 8.78 9.99 -18.43
N LEU A 88 9.19 10.99 -19.23
CA LEU A 88 8.34 12.13 -19.55
C LEU A 88 8.08 12.16 -21.03
N GLY A 89 7.02 11.46 -21.44
CA GLY A 89 6.59 11.42 -22.83
C GLY A 89 5.94 12.72 -23.26
N ASP A 90 5.60 12.83 -24.56
CA ASP A 90 4.95 14.01 -25.13
C ASP A 90 3.61 14.33 -24.46
N LYS A 91 2.75 13.31 -24.18
CA LYS A 91 1.46 13.49 -23.51
C LYS A 91 1.68 14.11 -22.13
N VAL A 92 2.62 13.56 -21.34
CA VAL A 92 2.96 14.05 -19.99
C VAL A 92 3.48 15.48 -20.05
N LYS A 93 4.38 15.80 -21.01
CA LYS A 93 4.96 17.14 -21.14
C LYS A 93 3.89 18.19 -21.50
N SER A 94 2.83 17.80 -22.24
CA SER A 94 1.71 18.70 -22.54
C SER A 94 0.95 19.03 -21.25
N ILE A 95 0.79 18.05 -20.36
CA ILE A 95 0.10 18.24 -19.08
C ILE A 95 0.93 19.19 -18.17
N ILE A 96 2.26 18.98 -18.10
CA ILE A 96 3.17 19.82 -17.31
C ILE A 96 3.09 21.29 -17.84
N GLU A 97 3.12 21.46 -19.18
CA GLU A 97 3.06 22.77 -19.84
C GLU A 97 1.79 23.54 -19.45
N GLY A 98 0.66 22.84 -19.46
CA GLY A 98 -0.64 23.38 -19.08
C GLY A 98 -0.70 23.85 -17.65
N ILE A 99 -0.05 23.11 -16.72
CA ILE A 99 -0.02 23.46 -15.28
C ILE A 99 0.89 24.69 -15.09
N ILE A 100 2.04 24.76 -15.80
CA ILE A 100 2.94 25.92 -15.74
C ILE A 100 2.19 27.17 -16.20
N GLU A 101 1.38 27.04 -17.27
CA GLU A 101 0.60 28.11 -17.91
C GLU A 101 -0.41 28.80 -16.97
N ASP A 102 -1.32 28.02 -16.31
CA ASP A 102 -2.46 28.53 -15.51
C ASP A 102 -2.53 28.02 -14.04
N GLY A 103 -1.53 27.27 -13.57
CA GLY A 103 -1.48 26.68 -12.22
C GLY A 103 -2.39 25.47 -12.00
N GLU A 104 -3.14 25.05 -13.05
CA GLU A 104 -4.03 23.90 -12.96
C GLU A 104 -3.95 23.04 -14.24
N SER A 105 -4.43 21.81 -14.10
CA SER A 105 -4.50 20.87 -15.21
C SER A 105 -5.93 20.76 -15.65
N SER A 106 -6.22 21.20 -16.88
CA SER A 106 -7.55 21.13 -17.47
C SER A 106 -8.01 19.66 -17.62
N GLU A 107 -7.04 18.77 -17.96
CA GLU A 107 -7.23 17.32 -18.12
C GLU A 107 -7.62 16.66 -16.77
N ALA A 108 -6.90 16.97 -15.68
CA ALA A 108 -7.22 16.42 -14.36
C ALA A 108 -8.54 16.99 -13.82
N LYS A 109 -8.84 18.27 -14.15
CA LYS A 109 -10.07 18.96 -13.75
C LYS A 109 -11.30 18.28 -14.37
N ALA A 110 -11.18 17.87 -15.66
CA ALA A 110 -12.23 17.16 -16.38
C ALA A 110 -12.46 15.76 -15.76
N VAL A 111 -11.39 15.08 -15.29
CA VAL A 111 -11.51 13.76 -14.63
C VAL A 111 -12.27 13.94 -13.27
N LEU A 112 -11.93 15.00 -12.52
CA LEU A 112 -12.53 15.29 -11.22
C LEU A 112 -14.02 15.59 -11.32
N ASN A 113 -14.47 16.07 -12.49
CA ASN A 113 -15.86 16.40 -12.76
C ASN A 113 -16.61 15.29 -13.52
N ASP A 114 -15.90 14.23 -13.97
CA ASP A 114 -16.47 13.08 -14.67
C ASP A 114 -17.31 12.26 -13.72
N GLU A 115 -18.54 11.90 -14.13
CA GLU A 115 -19.48 11.17 -13.28
C GLU A 115 -19.04 9.76 -12.98
N ARG A 116 -18.46 9.06 -13.96
CA ARG A 116 -17.97 7.70 -13.73
C ARG A 116 -16.79 7.72 -12.73
N TYR A 117 -15.84 8.67 -12.89
CA TYR A 117 -14.71 8.79 -12.00
C TYR A 117 -15.16 9.08 -10.58
N LYS A 118 -16.06 10.06 -10.40
CA LYS A 118 -16.60 10.46 -9.09
C LYS A 118 -17.29 9.29 -8.40
N SER A 119 -18.10 8.53 -9.15
CA SER A 119 -18.82 7.35 -8.61
C SER A 119 -17.85 6.27 -8.19
N PHE A 120 -16.84 5.97 -9.02
CA PHE A 120 -15.87 4.92 -8.71
C PHE A 120 -15.05 5.26 -7.46
N LYS A 121 -14.60 6.53 -7.31
CA LYS A 121 -13.86 6.97 -6.14
C LYS A 121 -14.72 6.86 -4.90
N LEU A 122 -15.97 7.34 -4.99
CA LEU A 122 -16.90 7.35 -3.87
C LEU A 122 -17.26 5.93 -3.43
N PHE A 123 -17.62 5.05 -4.37
CA PHE A 123 -18.04 3.68 -4.04
C PHE A 123 -16.88 2.83 -3.53
N THR A 124 -15.68 2.91 -4.13
CA THR A 124 -14.53 2.11 -3.67
C THR A 124 -13.94 2.67 -2.34
N SER A 125 -14.42 3.84 -1.86
CA SER A 125 -13.98 4.42 -0.58
C SER A 125 -14.61 3.61 0.59
N VAL A 126 -15.57 2.73 0.26
CA VAL A 126 -16.21 1.82 1.21
C VAL A 126 -15.35 0.55 1.27
N PHE A 127 -15.04 0.09 2.49
CA PHE A 127 -14.30 -1.15 2.69
C PHE A 127 -15.17 -2.29 2.17
N GLY A 128 -14.62 -3.11 1.27
CA GLY A 128 -15.30 -4.26 0.69
C GLY A 128 -15.83 -4.01 -0.71
N VAL A 129 -15.67 -2.79 -1.23
CA VAL A 129 -16.16 -2.42 -2.56
C VAL A 129 -14.97 -2.21 -3.50
N GLY A 130 -14.94 -3.02 -4.55
CA GLY A 130 -13.92 -2.96 -5.58
C GLY A 130 -14.50 -2.48 -6.90
N LEU A 131 -13.69 -2.59 -7.97
CA LEU A 131 -14.02 -2.13 -9.32
C LEU A 131 -15.30 -2.75 -9.87
N LYS A 132 -15.50 -4.07 -9.74
CA LYS A 132 -16.68 -4.73 -10.30
C LYS A 132 -17.99 -4.31 -9.61
N THR A 133 -18.02 -4.23 -8.26
CA THR A 133 -19.21 -3.81 -7.51
C THR A 133 -19.51 -2.31 -7.78
N ALA A 134 -18.47 -1.47 -7.85
CA ALA A 134 -18.62 -0.03 -8.12
C ALA A 134 -19.23 0.17 -9.52
N GLU A 135 -18.77 -0.62 -10.52
CA GLU A 135 -19.28 -0.58 -11.90
C GLU A 135 -20.74 -1.04 -11.95
N LYS A 136 -21.08 -2.12 -11.23
CA LYS A 136 -22.42 -2.67 -11.12
C LYS A 136 -23.40 -1.61 -10.58
N TRP A 137 -23.05 -0.95 -9.45
CA TRP A 137 -23.88 0.07 -8.82
C TRP A 137 -24.08 1.28 -9.73
N PHE A 138 -23.01 1.71 -10.45
CA PHE A 138 -23.07 2.82 -11.40
C PHE A 138 -24.06 2.52 -12.54
N ARG A 139 -23.97 1.31 -13.12
CA ARG A 139 -24.85 0.88 -14.23
C ARG A 139 -26.28 0.62 -13.73
N MET A 140 -26.49 0.54 -12.40
CA MET A 140 -27.83 0.46 -11.83
C MET A 140 -28.43 1.85 -11.64
N GLY A 141 -27.61 2.89 -11.80
CA GLY A 141 -28.05 4.28 -11.63
C GLY A 141 -27.76 4.91 -10.30
N PHE A 142 -27.03 4.21 -9.39
CA PHE A 142 -26.66 4.74 -8.08
C PHE A 142 -25.53 5.74 -8.23
N ARG A 143 -25.54 6.82 -7.42
CA ARG A 143 -24.55 7.89 -7.46
C ARG A 143 -24.14 8.31 -6.06
N THR A 144 -24.92 7.91 -5.03
CA THR A 144 -24.62 8.30 -3.66
C THR A 144 -24.62 7.08 -2.75
N LEU A 145 -23.81 7.13 -1.68
CA LEU A 145 -23.72 6.05 -0.69
C LEU A 145 -25.01 5.93 0.12
N SER A 146 -25.72 7.03 0.35
CA SER A 146 -27.00 7.08 1.05
C SER A 146 -28.05 6.22 0.31
N LYS A 147 -28.10 6.37 -1.03
CA LYS A 147 -29.06 5.63 -1.86
C LYS A 147 -28.67 4.16 -1.91
N ILE A 148 -27.38 3.83 -1.86
CA ILE A 148 -26.93 2.42 -1.88
C ILE A 148 -27.31 1.73 -0.55
N GLN A 149 -26.94 2.33 0.59
CA GLN A 149 -27.19 1.79 1.93
C GLN A 149 -28.66 1.56 2.24
N SER A 150 -29.52 2.52 1.86
CA SER A 150 -30.95 2.45 2.14
C SER A 150 -31.74 1.59 1.15
N ASP A 151 -31.12 1.12 0.04
CA ASP A 151 -31.83 0.30 -0.95
C ASP A 151 -32.26 -1.04 -0.34
N LYS A 152 -33.53 -1.43 -0.54
CA LYS A 152 -34.04 -2.65 0.06
C LYS A 152 -33.90 -3.89 -0.84
N SER A 153 -33.39 -3.73 -2.08
CA SER A 153 -33.21 -4.85 -3.00
C SER A 153 -31.74 -5.33 -3.01
N LEU A 154 -30.77 -4.43 -2.77
CA LEU A 154 -29.33 -4.73 -2.78
C LEU A 154 -28.92 -5.72 -1.70
N ARG A 155 -27.93 -6.58 -2.02
CA ARG A 155 -27.37 -7.53 -1.08
C ARG A 155 -25.90 -7.21 -0.87
N PHE A 156 -25.48 -7.14 0.39
CA PHE A 156 -24.11 -6.75 0.70
C PHE A 156 -23.30 -7.91 1.29
N THR A 157 -22.00 -7.98 0.93
CA THR A 157 -21.06 -8.96 1.52
C THR A 157 -20.79 -8.54 3.00
N GLN A 158 -20.29 -9.46 3.82
CA GLN A 158 -19.97 -9.17 5.21
C GLN A 158 -18.93 -8.03 5.32
N MET A 159 -17.98 -7.97 4.38
CA MET A 159 -16.95 -6.95 4.27
C MET A 159 -17.58 -5.56 4.01
N GLN A 160 -18.55 -5.48 3.07
CA GLN A 160 -19.28 -4.24 2.73
C GLN A 160 -20.15 -3.74 3.89
N LYS A 161 -20.82 -4.67 4.63
CA LYS A 161 -21.62 -4.36 5.82
C LYS A 161 -20.75 -3.61 6.84
N ALA A 162 -19.53 -4.14 7.12
CA ALA A 162 -18.54 -3.52 8.02
C ALA A 162 -18.06 -2.19 7.44
N GLY A 163 -17.84 -2.16 6.12
CA GLY A 163 -17.44 -0.95 5.41
C GLY A 163 -18.42 0.19 5.57
N PHE A 164 -19.73 -0.09 5.55
CA PHE A 164 -20.78 0.90 5.74
C PHE A 164 -20.98 1.26 7.21
N LEU A 165 -20.95 0.25 8.10
CA LEU A 165 -21.15 0.47 9.55
C LEU A 165 -20.09 1.42 10.17
N TYR A 166 -18.83 1.26 9.76
CA TYR A 166 -17.70 2.01 10.29
C TYR A 166 -17.13 2.98 9.26
N TYR A 167 -17.92 3.36 8.24
CA TYR A 167 -17.54 4.24 7.13
C TYR A 167 -16.84 5.53 7.58
N GLU A 168 -17.46 6.32 8.47
CA GLU A 168 -16.91 7.62 8.88
C GLU A 168 -15.52 7.48 9.54
N ASP A 169 -15.35 6.49 10.41
CA ASP A 169 -14.06 6.20 11.07
C ASP A 169 -13.01 5.73 10.06
N LEU A 170 -13.37 4.83 9.14
CA LEU A 170 -12.44 4.31 8.14
C LEU A 170 -12.08 5.33 7.07
N VAL A 171 -12.96 6.31 6.81
CA VAL A 171 -12.66 7.33 5.78
C VAL A 171 -11.77 8.43 6.39
N SER A 172 -11.79 8.61 7.74
CA SER A 172 -10.92 9.55 8.46
C SER A 172 -9.47 9.02 8.50
N CYS A 173 -8.49 9.89 8.33
CA CYS A 173 -7.09 9.46 8.32
C CYS A 173 -6.63 8.90 9.69
N VAL A 174 -5.92 7.73 9.66
CA VAL A 174 -5.24 7.18 10.85
C VAL A 174 -3.98 8.06 11.03
N ASN A 175 -3.77 8.63 12.22
CA ASN A 175 -2.59 9.46 12.46
C ASN A 175 -1.49 8.60 13.21
N ARG A 176 -0.27 9.14 13.45
CA ARG A 176 0.82 8.37 14.09
C ARG A 176 0.48 8.00 15.55
N PRO A 177 -0.08 8.90 16.43
CA PRO A 177 -0.47 8.45 17.78
C PRO A 177 -1.45 7.26 17.73
N GLU A 178 -2.40 7.23 16.76
CA GLU A 178 -3.32 6.10 16.62
C GLU A 178 -2.60 4.83 16.14
N ALA A 179 -1.68 4.95 15.14
CA ALA A 179 -0.89 3.82 14.64
C ALA A 179 -0.05 3.24 15.75
N GLU A 180 0.51 4.12 16.62
CA GLU A 180 1.32 3.69 17.77
C GLU A 180 0.48 2.96 18.80
N ALA A 181 -0.73 3.43 19.05
CA ALA A 181 -1.69 2.81 19.95
C ALA A 181 -2.07 1.42 19.46
N VAL A 182 -2.25 1.27 18.12
CA VAL A 182 -2.54 -0.04 17.49
C VAL A 182 -1.32 -0.93 17.63
N SER A 183 -0.10 -0.40 17.39
CA SER A 183 1.16 -1.18 17.53
C SER A 183 1.27 -1.82 18.91
N MET A 184 0.96 -1.05 19.96
CA MET A 184 0.96 -1.50 21.35
C MET A 184 0.00 -2.66 21.55
N LEU A 185 -1.23 -2.55 20.99
CA LEU A 185 -2.24 -3.61 21.05
C LEU A 185 -1.75 -4.88 20.35
N VAL A 186 -1.17 -4.74 19.14
CA VAL A 186 -0.66 -5.86 18.36
C VAL A 186 0.45 -6.57 19.14
N LYS A 187 1.45 -5.81 19.60
CA LYS A 187 2.60 -6.36 20.34
C LYS A 187 2.14 -7.09 21.63
N GLU A 188 1.26 -6.46 22.43
CA GLU A 188 0.73 -7.04 23.67
C GLU A 188 0.03 -8.38 23.41
N ALA A 189 -0.77 -8.49 22.34
CA ALA A 189 -1.49 -9.71 21.99
C ALA A 189 -0.54 -10.79 21.47
N VAL A 190 0.35 -10.44 20.55
CA VAL A 190 1.29 -11.36 19.93
C VAL A 190 2.26 -12.04 20.98
N VAL A 191 2.94 -11.25 21.84
CA VAL A 191 3.91 -11.75 22.85
C VAL A 191 3.20 -12.65 23.91
N THR A 192 1.87 -12.52 24.08
CA THR A 192 1.08 -13.37 24.99
C THR A 192 1.17 -14.84 24.55
N PHE A 193 1.20 -15.10 23.23
CA PHE A 193 1.24 -16.46 22.65
C PHE A 193 2.65 -16.85 22.14
N LEU A 194 3.43 -15.89 21.63
CA LEU A 194 4.80 -16.07 21.13
C LEU A 194 5.70 -14.97 21.74
N PRO A 195 6.30 -15.19 22.94
CA PRO A 195 7.08 -14.11 23.56
C PRO A 195 8.34 -13.68 22.81
N ASP A 196 8.88 -14.52 21.91
CA ASP A 196 10.08 -14.16 21.13
C ASP A 196 9.75 -13.46 19.79
N ALA A 197 8.45 -13.26 19.48
CA ALA A 197 8.04 -12.71 18.20
C ALA A 197 8.46 -11.27 18.01
N LEU A 198 8.82 -10.96 16.76
CA LEU A 198 9.22 -9.64 16.29
C LEU A 198 8.08 -9.06 15.50
N VAL A 199 7.59 -7.90 15.93
CA VAL A 199 6.48 -7.18 15.30
C VAL A 199 7.00 -5.86 14.74
N THR A 200 6.81 -5.64 13.42
CA THR A 200 7.26 -4.43 12.75
C THR A 200 6.13 -3.76 12.02
N MET A 201 5.95 -2.45 12.25
CA MET A 201 4.97 -1.66 11.49
C MET A 201 5.54 -1.44 10.09
N THR A 202 4.77 -1.75 9.07
CA THR A 202 5.25 -1.59 7.68
C THR A 202 4.42 -0.49 6.99
N GLY A 203 4.30 -0.57 5.66
CA GLY A 203 3.53 0.38 4.86
C GLY A 203 4.03 1.81 4.96
N GLY A 204 3.13 2.77 4.71
CA GLY A 204 3.38 4.20 4.69
C GLY A 204 4.01 4.77 5.95
N PHE A 205 3.52 4.36 7.13
CA PHE A 205 4.04 4.83 8.42
C PHE A 205 5.53 4.47 8.55
N ARG A 206 5.98 3.30 8.04
CA ARG A 206 7.40 2.96 8.06
C ARG A 206 8.20 3.91 7.14
N ARG A 207 7.58 4.42 6.09
CA ARG A 207 8.21 5.33 5.12
C ARG A 207 8.16 6.82 5.60
N GLY A 208 7.68 7.05 6.83
CA GLY A 208 7.62 8.38 7.43
C GLY A 208 6.32 9.14 7.29
N LYS A 209 5.26 8.53 6.74
CA LYS A 209 4.00 9.27 6.57
C LYS A 209 3.34 9.61 7.92
N MET A 210 2.70 10.76 7.96
CA MET A 210 1.98 11.25 9.13
C MET A 210 0.63 10.57 9.24
N THR A 211 0.04 10.19 8.09
CA THR A 211 -1.28 9.57 8.06
C THR A 211 -1.28 8.32 7.17
N GLY A 212 -2.35 7.55 7.26
CA GLY A 212 -2.59 6.35 6.46
C GLY A 212 -4.04 5.93 6.53
N HIS A 213 -4.47 5.03 5.63
CA HIS A 213 -5.86 4.53 5.63
C HIS A 213 -5.97 3.27 6.49
N ASP A 214 -4.82 2.67 6.78
CA ASP A 214 -4.69 1.47 7.59
C ASP A 214 -3.32 1.42 8.27
N VAL A 215 -3.15 0.45 9.18
CA VAL A 215 -1.90 0.18 9.89
C VAL A 215 -1.55 -1.30 9.63
N ASP A 216 -0.36 -1.55 9.06
CA ASP A 216 0.11 -2.85 8.67
C ASP A 216 1.27 -3.27 9.50
N PHE A 217 1.32 -4.57 9.82
CA PHE A 217 2.38 -5.16 10.62
C PHE A 217 2.87 -6.47 10.04
N LEU A 218 4.17 -6.71 10.22
CA LEU A 218 4.82 -7.95 9.86
C LEU A 218 5.22 -8.60 11.15
N ILE A 219 4.84 -9.87 11.31
CA ILE A 219 5.12 -10.65 12.53
C ILE A 219 5.95 -11.86 12.13
N THR A 220 6.99 -12.14 12.89
CA THR A 220 7.86 -13.30 12.65
C THR A 220 8.44 -13.77 13.98
N SER A 221 8.77 -15.06 14.07
CA SER A 221 9.30 -15.63 15.30
C SER A 221 10.49 -16.55 15.00
N PRO A 222 11.67 -16.30 15.60
CA PRO A 222 12.83 -17.17 15.32
C PRO A 222 12.72 -18.60 15.85
N GLU A 223 11.93 -18.85 16.92
CA GLU A 223 11.84 -20.20 17.49
C GLU A 223 10.50 -20.93 17.25
N ALA A 224 9.44 -20.23 16.79
CA ALA A 224 8.14 -20.88 16.55
C ALA A 224 8.20 -21.99 15.51
N THR A 225 7.36 -23.02 15.68
CA THR A 225 7.25 -24.11 14.71
C THR A 225 6.34 -23.65 13.54
N GLU A 226 6.19 -24.50 12.49
CA GLU A 226 5.31 -24.22 11.35
C GLU A 226 3.86 -24.11 11.82
N ASP A 227 3.45 -24.97 12.78
CA ASP A 227 2.11 -25.01 13.35
C ASP A 227 1.88 -23.81 14.27
N GLU A 228 2.85 -23.48 15.15
CA GLU A 228 2.76 -22.32 16.05
C GLU A 228 2.60 -21.04 15.27
N GLU A 229 3.35 -20.91 14.17
CA GLU A 229 3.28 -19.72 13.36
C GLU A 229 1.97 -19.66 12.55
N GLN A 230 1.32 -20.79 12.30
CA GLN A 230 0.04 -20.85 11.60
C GLN A 230 -1.08 -20.45 12.56
N GLN A 231 -0.96 -20.81 13.85
CA GLN A 231 -1.99 -20.58 14.86
C GLN A 231 -1.98 -19.19 15.49
N LEU A 232 -0.87 -18.43 15.42
CA LEU A 232 -0.76 -17.14 16.07
C LEU A 232 -1.88 -16.14 15.69
N LEU A 233 -2.17 -15.94 14.39
CA LEU A 233 -3.20 -14.97 13.98
C LEU A 233 -4.59 -15.38 14.48
N HIS A 234 -4.87 -16.71 14.58
CA HIS A 234 -6.14 -17.26 15.10
C HIS A 234 -6.22 -16.99 16.62
N LYS A 235 -5.11 -17.20 17.36
CA LYS A 235 -5.04 -16.96 18.81
C LYS A 235 -5.22 -15.48 19.15
N VAL A 236 -4.52 -14.60 18.43
CA VAL A 236 -4.53 -13.15 18.65
C VAL A 236 -5.92 -12.57 18.36
N THR A 237 -6.58 -13.02 17.28
CA THR A 237 -7.89 -12.50 16.91
C THR A 237 -8.98 -13.05 17.85
N ASP A 238 -8.84 -14.32 18.35
CA ASP A 238 -9.79 -14.89 19.32
C ASP A 238 -9.70 -14.11 20.64
N PHE A 239 -8.47 -13.74 21.06
CA PHE A 239 -8.19 -12.93 22.25
C PHE A 239 -8.89 -11.56 22.15
N TRP A 240 -8.79 -10.88 20.98
CA TRP A 240 -9.43 -9.59 20.73
C TRP A 240 -10.94 -9.71 20.67
N LYS A 241 -11.44 -10.85 20.11
CA LYS A 241 -12.88 -11.14 20.02
C LYS A 241 -13.45 -11.26 21.44
N GLN A 242 -12.73 -11.95 22.34
CA GLN A 242 -13.09 -12.14 23.74
C GLN A 242 -13.11 -10.80 24.48
N GLN A 243 -12.18 -9.90 24.12
CA GLN A 243 -12.01 -8.60 24.73
C GLN A 243 -12.97 -7.53 24.16
N GLY A 244 -13.68 -7.87 23.07
CA GLY A 244 -14.67 -7.04 22.40
C GLY A 244 -14.06 -5.95 21.54
N LEU A 245 -12.87 -6.23 20.97
CA LEU A 245 -12.12 -5.28 20.16
C LEU A 245 -12.11 -5.63 18.68
N LEU A 246 -12.54 -6.85 18.34
CA LEU A 246 -12.57 -7.32 16.96
C LEU A 246 -13.90 -6.93 16.31
N LEU A 247 -13.86 -5.93 15.43
CA LEU A 247 -15.04 -5.45 14.72
C LEU A 247 -15.22 -6.17 13.37
N TYR A 248 -14.12 -6.59 12.75
CA TYR A 248 -14.12 -7.34 11.49
C TYR A 248 -12.87 -8.18 11.44
N CYS A 249 -12.95 -9.40 10.90
CA CYS A 249 -11.80 -10.30 10.79
C CYS A 249 -11.95 -11.25 9.59
N ASP A 250 -10.93 -11.31 8.76
CA ASP A 250 -10.82 -12.21 7.62
C ASP A 250 -9.39 -12.72 7.58
N ILE A 251 -9.19 -14.02 7.86
CA ILE A 251 -7.84 -14.61 7.88
C ILE A 251 -7.64 -15.41 6.61
N LEU A 252 -6.64 -15.03 5.81
CA LEU A 252 -6.25 -15.75 4.59
C LEU A 252 -5.11 -16.68 4.95
N GLU A 253 -5.33 -18.00 4.83
CA GLU A 253 -4.31 -18.99 5.10
C GLU A 253 -3.20 -18.88 4.11
N SER A 254 -2.02 -19.29 4.52
CA SER A 254 -0.84 -19.25 3.67
C SER A 254 -0.94 -20.22 2.50
N THR A 255 -0.42 -19.80 1.36
CA THR A 255 -0.30 -20.62 0.16
C THR A 255 1.20 -20.62 -0.23
N PHE A 256 2.07 -20.17 0.74
CA PHE A 256 3.52 -20.07 0.63
C PHE A 256 4.13 -21.40 0.30
N GLU A 257 5.07 -21.40 -0.65
CA GLU A 257 5.81 -22.57 -1.10
C GLU A 257 7.29 -22.33 -0.90
N LYS A 258 7.90 -23.00 0.08
CA LYS A 258 9.31 -22.85 0.47
C LYS A 258 10.30 -22.94 -0.71
N PHE A 259 10.06 -23.83 -1.69
CA PHE A 259 11.02 -24.04 -2.79
C PHE A 259 10.53 -23.59 -4.19
N LYS A 260 9.45 -22.79 -4.27
CA LYS A 260 8.97 -22.26 -5.56
C LYS A 260 9.79 -21.04 -5.97
N GLN A 261 10.06 -20.90 -7.28
CA GLN A 261 10.76 -19.74 -7.84
C GLN A 261 9.91 -18.46 -7.58
N PRO A 262 10.52 -17.27 -7.37
CA PRO A 262 9.70 -16.05 -7.18
C PRO A 262 8.88 -15.69 -8.44
N SER A 263 7.81 -14.91 -8.25
CA SER A 263 6.90 -14.44 -9.29
C SER A 263 7.58 -13.66 -10.44
N ARG A 264 7.04 -13.84 -11.65
CA ARG A 264 7.41 -13.19 -12.91
C ARG A 264 6.51 -11.94 -13.16
N LYS A 265 5.30 -11.92 -12.54
CA LYS A 265 4.24 -10.91 -12.67
C LYS A 265 4.71 -9.48 -12.37
N VAL A 266 4.07 -8.47 -13.01
CA VAL A 266 4.33 -7.03 -12.82
C VAL A 266 4.06 -6.69 -11.34
N ASP A 267 2.92 -7.16 -10.83
CA ASP A 267 2.49 -7.00 -9.46
C ASP A 267 2.40 -8.40 -8.85
N ALA A 268 3.43 -8.77 -8.07
CA ALA A 268 3.54 -10.07 -7.42
C ALA A 268 2.53 -10.22 -6.29
N LEU A 269 1.93 -11.42 -6.18
CA LEU A 269 0.98 -11.77 -5.12
C LEU A 269 1.76 -12.23 -3.86
N ASP A 270 1.23 -11.93 -2.68
CA ASP A 270 1.84 -12.34 -1.41
C ASP A 270 1.08 -13.59 -0.93
N HIS A 271 1.82 -14.68 -0.75
CA HIS A 271 1.26 -15.95 -0.36
C HIS A 271 1.37 -16.24 1.15
N PHE A 272 1.85 -15.26 1.96
CA PHE A 272 1.96 -15.48 3.40
C PHE A 272 0.61 -15.43 4.07
N GLN A 273 0.49 -16.10 5.23
CA GLN A 273 -0.72 -16.04 6.04
C GLN A 273 -0.95 -14.56 6.47
N LYS A 274 -2.16 -14.05 6.27
CA LYS A 274 -2.49 -12.66 6.61
C LYS A 274 -3.93 -12.49 7.06
N CYS A 275 -4.20 -11.36 7.72
CA CYS A 275 -5.56 -11.07 8.12
C CYS A 275 -5.86 -9.62 7.94
N PHE A 276 -7.08 -9.36 7.48
CA PHE A 276 -7.63 -8.01 7.25
C PHE A 276 -8.60 -7.76 8.35
N LEU A 277 -8.29 -6.81 9.19
CA LEU A 277 -9.09 -6.54 10.38
C LEU A 277 -9.59 -5.12 10.48
N ILE A 278 -10.61 -4.96 11.33
CA ILE A 278 -11.11 -3.68 11.83
C ILE A 278 -11.06 -3.83 13.36
N LEU A 279 -10.26 -2.99 14.03
CA LEU A 279 -10.15 -3.04 15.48
C LEU A 279 -10.82 -1.85 16.13
N LYS A 280 -11.33 -2.07 17.36
CA LYS A 280 -11.93 -1.02 18.16
C LYS A 280 -10.79 -0.38 18.96
N LEU A 281 -10.45 0.90 18.64
CA LEU A 281 -9.37 1.59 19.33
C LEU A 281 -9.96 2.59 20.32
N ASP A 282 -9.88 2.28 21.62
CA ASP A 282 -10.37 3.17 22.69
C ASP A 282 -9.53 4.44 22.74
N HIS A 283 -10.18 5.62 22.89
CA HIS A 283 -9.51 6.91 22.88
C HIS A 283 -8.45 7.03 23.98
N GLY A 284 -8.67 6.37 25.11
CA GLY A 284 -7.74 6.37 26.25
C GLY A 284 -6.37 5.80 25.96
N ARG A 285 -6.26 4.91 24.95
CA ARG A 285 -5.03 4.24 24.52
C ARG A 285 -4.16 5.13 23.62
N VAL A 286 -4.75 6.22 23.08
CA VAL A 286 -4.10 7.15 22.14
C VAL A 286 -3.48 8.31 22.92
N HIS A 287 -2.15 8.47 22.84
CA HIS A 287 -1.45 9.56 23.54
C HIS A 287 -1.09 10.64 22.53
N SER A 288 -2.03 11.56 22.31
CA SER A 288 -1.88 12.62 21.32
C SER A 288 -1.97 13.98 21.97
N GLU A 289 -1.96 15.04 21.13
CA GLU A 289 -2.09 16.44 21.53
C GLU A 289 -3.53 16.75 21.97
N LYS A 290 -4.53 16.03 21.42
CA LYS A 290 -5.94 16.15 21.79
C LYS A 290 -6.23 15.20 22.98
N GLU A 295 -13.69 12.93 22.77
CA GLU A 295 -15.08 13.26 22.47
C GLU A 295 -15.76 12.15 21.64
N GLY A 296 -17.09 12.22 21.52
CA GLY A 296 -17.93 11.29 20.77
C GLY A 296 -18.21 9.98 21.49
N LYS A 297 -18.22 8.88 20.71
CA LYS A 297 -18.43 7.50 21.22
C LYS A 297 -17.26 7.02 22.11
N GLY A 298 -16.10 7.66 22.00
CA GLY A 298 -14.93 7.34 22.80
C GLY A 298 -14.00 6.29 22.23
N TRP A 299 -14.23 5.88 20.99
CA TRP A 299 -13.41 4.89 20.29
C TRP A 299 -13.45 5.14 18.78
N LYS A 300 -12.51 4.55 18.04
CA LYS A 300 -12.39 4.71 16.60
C LYS A 300 -12.10 3.36 15.97
N ALA A 301 -12.80 3.03 14.88
CA ALA A 301 -12.59 1.83 14.08
C ALA A 301 -11.35 2.08 13.24
N ILE A 302 -10.41 1.11 13.24
CA ILE A 302 -9.14 1.20 12.53
C ILE A 302 -8.95 -0.03 11.67
N ARG A 303 -8.62 0.18 10.39
CA ARG A 303 -8.24 -0.91 9.50
C ARG A 303 -6.82 -1.35 9.84
N VAL A 304 -6.64 -2.64 10.15
CA VAL A 304 -5.35 -3.21 10.50
C VAL A 304 -5.10 -4.47 9.66
N ASP A 305 -3.89 -4.62 9.11
CA ASP A 305 -3.51 -5.84 8.42
C ASP A 305 -2.32 -6.47 9.14
N LEU A 306 -2.39 -7.77 9.38
CA LEU A 306 -1.32 -8.51 10.00
C LEU A 306 -0.83 -9.55 9.04
N VAL A 307 0.50 -9.70 8.92
CA VAL A 307 1.16 -10.66 8.06
C VAL A 307 2.12 -11.49 8.91
N MET A 308 2.03 -12.83 8.80
CA MET A 308 2.92 -13.75 9.47
C MET A 308 3.84 -14.41 8.43
N CYS A 309 5.16 -14.36 8.63
CA CYS A 309 6.07 -14.99 7.69
C CYS A 309 7.07 -15.86 8.39
N PRO A 310 7.65 -16.87 7.68
CA PRO A 310 8.71 -17.68 8.29
C PRO A 310 9.93 -16.79 8.57
N TYR A 311 10.64 -17.04 9.67
CA TYR A 311 11.78 -16.24 10.12
C TYR A 311 12.84 -15.98 9.03
N ASP A 312 13.21 -17.00 8.24
CA ASP A 312 14.25 -16.88 7.21
C ASP A 312 13.85 -15.97 6.04
N ARG A 313 12.54 -15.66 5.88
CA ARG A 313 12.06 -14.80 4.77
C ARG A 313 11.67 -13.40 5.23
N ARG A 314 11.96 -13.06 6.52
CA ARG A 314 11.55 -11.79 7.11
C ARG A 314 12.04 -10.55 6.35
N ALA A 315 13.25 -10.57 5.77
CA ALA A 315 13.78 -9.41 5.06
C ALA A 315 13.03 -9.18 3.74
N PHE A 316 12.66 -10.27 3.04
CA PHE A 316 11.92 -10.17 1.76
C PHE A 316 10.52 -9.67 2.00
N ALA A 317 9.86 -10.18 3.05
CA ALA A 317 8.50 -9.77 3.41
C ALA A 317 8.49 -8.27 3.84
N LEU A 318 9.45 -7.87 4.70
CA LEU A 318 9.60 -6.48 5.16
C LEU A 318 9.77 -5.52 3.98
N LEU A 319 10.65 -5.89 3.05
CA LEU A 319 10.91 -5.11 1.85
C LEU A 319 9.66 -4.96 1.01
N GLY A 320 8.91 -6.05 0.80
CA GLY A 320 7.66 -6.03 0.04
C GLY A 320 6.56 -5.23 0.70
N TRP A 321 6.38 -5.39 2.02
CA TRP A 321 5.32 -4.68 2.75
C TRP A 321 5.66 -3.22 3.09
N THR A 322 6.92 -2.79 2.96
CA THR A 322 7.25 -1.39 3.29
C THR A 322 6.79 -0.47 2.14
N GLY A 323 6.86 -0.98 0.91
CA GLY A 323 6.47 -0.23 -0.28
C GLY A 323 7.44 0.87 -0.64
N SER A 324 6.99 1.92 -1.36
CA SER A 324 5.64 2.12 -1.90
C SER A 324 5.34 1.09 -3.02
N ARG A 325 4.11 1.08 -3.55
CA ARG A 325 3.76 0.17 -4.66
C ARG A 325 4.69 0.41 -5.88
N GLN A 326 4.96 1.68 -6.25
CA GLN A 326 5.87 2.01 -7.37
C GLN A 326 7.29 1.58 -7.09
N PHE A 327 7.77 1.77 -5.86
CA PHE A 327 9.12 1.33 -5.49
C PHE A 327 9.25 -0.20 -5.66
N GLU A 328 8.23 -0.98 -5.24
CA GLU A 328 8.21 -2.44 -5.36
C GLU A 328 8.20 -2.87 -6.81
N ARG A 329 7.32 -2.28 -7.65
CA ARG A 329 7.24 -2.56 -9.09
C ARG A 329 8.60 -2.37 -9.75
N ASP A 330 9.29 -1.22 -9.49
CA ASP A 330 10.58 -0.92 -10.10
C ASP A 330 11.70 -1.80 -9.57
N LEU A 331 11.69 -2.17 -8.27
CA LEU A 331 12.62 -3.13 -7.67
C LEU A 331 12.61 -4.45 -8.42
N ARG A 332 11.39 -4.99 -8.63
CA ARG A 332 11.19 -6.27 -9.31
C ARG A 332 11.55 -6.17 -10.79
N ARG A 333 11.21 -5.05 -11.45
CA ARG A 333 11.54 -4.79 -12.85
C ARG A 333 13.07 -4.70 -13.03
N TYR A 334 13.76 -3.94 -12.16
CA TYR A 334 15.21 -3.82 -12.15
C TYR A 334 15.85 -5.21 -11.95
N ALA A 335 15.41 -5.97 -10.92
CA ALA A 335 15.94 -7.32 -10.66
C ALA A 335 15.89 -8.21 -11.91
N THR A 336 14.74 -8.22 -12.61
CA THR A 336 14.52 -9.04 -13.81
C THR A 336 15.35 -8.55 -15.01
N HIS A 337 15.14 -7.29 -15.44
CA HIS A 337 15.72 -6.73 -16.64
C HIS A 337 17.20 -6.42 -16.54
N GLU A 338 17.69 -5.94 -15.39
CA GLU A 338 19.10 -5.54 -15.23
C GLU A 338 20.00 -6.61 -14.59
N ARG A 339 19.47 -7.45 -13.71
CA ARG A 339 20.31 -8.40 -12.98
C ARG A 339 20.02 -9.86 -13.27
N LYS A 340 18.97 -10.16 -14.06
CA LYS A 340 18.50 -11.53 -14.37
C LYS A 340 18.23 -12.26 -13.04
N MET A 341 17.58 -11.54 -12.12
CA MET A 341 17.18 -12.04 -10.81
C MET A 341 15.68 -11.96 -10.69
N MET A 342 15.09 -12.82 -9.86
CA MET A 342 13.64 -12.87 -9.66
C MET A 342 13.35 -12.54 -8.22
N LEU A 343 12.63 -11.44 -7.99
CA LEU A 343 12.35 -10.98 -6.64
C LEU A 343 10.86 -10.89 -6.36
N ASP A 344 10.43 -11.28 -5.13
CA ASP A 344 9.06 -11.17 -4.65
C ASP A 344 9.13 -11.07 -3.11
N ASN A 345 7.98 -11.03 -2.41
CA ASN A 345 7.92 -10.91 -0.96
C ASN A 345 8.47 -12.10 -0.21
N HIS A 346 8.74 -13.23 -0.90
CA HIS A 346 9.16 -14.44 -0.24
C HIS A 346 10.62 -14.80 -0.53
N ALA A 347 11.18 -14.38 -1.68
CA ALA A 347 12.52 -14.81 -2.02
C ALA A 347 13.16 -14.00 -3.14
N LEU A 348 14.47 -14.25 -3.35
CA LEU A 348 15.34 -13.69 -4.39
C LEU A 348 16.11 -14.83 -5.03
N TYR A 349 15.90 -15.01 -6.33
CA TYR A 349 16.53 -16.08 -7.09
C TYR A 349 17.42 -15.51 -8.19
N ASP A 350 18.66 -16.04 -8.29
CA ASP A 350 19.66 -15.68 -9.30
C ASP A 350 19.59 -16.71 -10.42
N ARG A 351 19.10 -16.30 -11.60
CA ARG A 351 18.95 -17.18 -12.76
C ARG A 351 20.30 -17.58 -13.39
N THR A 352 21.36 -16.75 -13.22
CA THR A 352 22.69 -17.07 -13.77
C THR A 352 23.42 -18.09 -12.89
N LYS A 353 23.44 -17.85 -11.58
CA LYS A 353 24.08 -18.73 -10.61
C LYS A 353 23.20 -19.96 -10.30
N ARG A 354 21.88 -19.89 -10.64
CA ARG A 354 20.89 -20.94 -10.41
C ARG A 354 20.80 -21.25 -8.91
N VAL A 355 20.79 -20.18 -8.09
CA VAL A 355 20.74 -20.28 -6.63
C VAL A 355 19.78 -19.20 -6.03
N PHE A 356 19.13 -19.55 -4.91
CA PHE A 356 18.34 -18.63 -4.12
C PHE A 356 19.29 -17.84 -3.23
N LEU A 357 19.10 -16.54 -3.15
CA LEU A 357 19.99 -15.69 -2.35
C LEU A 357 19.36 -15.40 -0.98
N GLU A 358 20.11 -15.65 0.09
CA GLU A 358 19.71 -15.44 1.47
C GLU A 358 19.97 -14.00 1.91
N ALA A 359 19.13 -13.50 2.84
CA ALA A 359 19.22 -12.17 3.39
C ALA A 359 18.64 -12.13 4.81
N GLU A 360 19.36 -11.45 5.72
CA GLU A 360 18.95 -11.28 7.11
C GLU A 360 18.40 -9.90 7.31
N SER A 361 18.60 -9.00 6.32
CA SER A 361 18.20 -7.58 6.36
C SER A 361 17.88 -7.09 4.96
N GLU A 362 17.19 -5.91 4.86
CA GLU A 362 16.88 -5.30 3.57
C GLU A 362 18.18 -4.87 2.87
N GLU A 363 19.16 -4.37 3.64
CA GLU A 363 20.49 -3.96 3.19
C GLU A 363 21.16 -5.06 2.36
N GLU A 364 21.08 -6.33 2.82
CA GLU A 364 21.63 -7.48 2.12
C GLU A 364 20.91 -7.73 0.79
N ILE A 365 19.59 -7.46 0.72
CA ILE A 365 18.83 -7.65 -0.52
C ILE A 365 19.33 -6.62 -1.55
N PHE A 366 19.44 -5.34 -1.13
CA PHE A 366 19.94 -4.26 -1.98
C PHE A 366 21.34 -4.59 -2.47
N ALA A 367 22.26 -5.06 -1.56
CA ALA A 367 23.63 -5.44 -1.93
C ALA A 367 23.65 -6.58 -2.96
N HIS A 368 22.77 -7.61 -2.82
CA HIS A 368 22.65 -8.73 -3.79
C HIS A 368 22.29 -8.22 -5.19
N LEU A 369 21.43 -7.18 -5.24
CA LEU A 369 20.91 -6.56 -6.47
C LEU A 369 21.85 -5.53 -7.10
N GLY A 370 22.92 -5.17 -6.40
CA GLY A 370 23.87 -4.19 -6.88
C GLY A 370 23.33 -2.78 -6.79
N LEU A 371 22.47 -2.53 -5.79
CA LEU A 371 21.85 -1.24 -5.56
C LEU A 371 22.38 -0.59 -4.29
N ASP A 372 22.54 0.74 -4.32
CA ASP A 372 22.85 1.49 -3.10
C ASP A 372 21.62 1.40 -2.21
N TYR A 373 21.83 1.21 -0.91
CA TYR A 373 20.70 1.07 0.00
C TYR A 373 19.81 2.35 0.04
N ILE A 374 18.49 2.15 -0.15
CA ILE A 374 17.49 3.21 -0.10
C ILE A 374 16.77 3.04 1.23
N GLU A 375 16.84 4.07 2.10
CA GLU A 375 16.19 4.07 3.42
C GLU A 375 14.67 4.00 3.27
N PRO A 376 13.93 3.43 4.23
CA PRO A 376 12.45 3.36 4.06
C PRO A 376 11.79 4.71 3.76
N TRP A 377 12.23 5.81 4.41
CA TRP A 377 11.68 7.14 4.20
C TRP A 377 12.03 7.72 2.83
N GLU A 378 12.89 7.03 2.06
CA GLU A 378 13.32 7.41 0.72
C GLU A 378 12.63 6.54 -0.36
N ARG A 379 11.66 5.71 0.05
CA ARG A 379 10.96 4.82 -0.87
C ARG A 379 9.54 5.30 -1.18
N ASN A 380 9.27 6.60 -1.02
CA ASN A 380 7.95 7.17 -1.29
C ASN A 380 7.72 7.48 -2.79
N ALA A 381 8.11 6.54 -3.67
CA ALA A 381 8.04 6.67 -5.14
C ALA A 381 6.61 6.63 -5.67
#